data_4MDP
#
_entry.id   4MDP
#
_cell.length_a   113.567
_cell.length_b   113.567
_cell.length_c   178.740
_cell.angle_alpha   90.000
_cell.angle_beta   90.000
_cell.angle_gamma   120.000
#
_symmetry.space_group_name_H-M   'P 65 2 2'
#
loop_
_entity.id
_entity.type
_entity.pdbx_description
1 polymer Beta-glucosidase
2 non-polymer beta-D-glucopyranose
3 non-polymer DI(HYDROXYETHYL)ETHER
4 non-polymer 'PHOSPHATE ION'
5 non-polymer GLYCEROL
6 water water
#
_entity_poly.entity_id   1
_entity_poly.type   'polypeptide(L)'
_entity_poly.pdbx_seq_one_letter_code
;MGSSHHHHHHSSGLVPRGSHMASMSLPPDFKWGFATAAYQIEGSVNEDGRGPSIWDTFCAIPGKIADGSSGAVACDSYKR
TKEDIALLKELGANSYRFSISWSRIIPLGGRNDPINQKGIDHYVKFVDDLIEAGITPFITLFHWDLPDALDKRYGGFLNK
EEFAADFENYARIMFKAIPKCKHWITFNEPWCSAILGYNTGYFAPGHTSDRSKSPVGDSAREPWIVGHNILIAHARAVKA
YREDFKPTQGGEIGITLNGDATLPWDPEDPADIEACDRKIEFAISWFADPIYFGKYPDSMRKQLGDRLPEFTPEEVALVK
GSNDFYGMNHYTANYIKHKTGVPPEDDFLGNLETLFYNKYGDCIGPETQSFWLRPHAQGFRDLLNWLSKRYGYPKIYVTE
NGTSLKGENDMPLEQVLEDDFRVKYFNDYVRAMAAAVAEDGCNVRGYLAWSLLDNFEWAEGYETRFGVTYVDYANDQKRY
PKKSAKSLKPLFDSLIRKE
;
_entity_poly.pdbx_strand_id   A
#
# COMPACT_ATOMS: atom_id res chain seq x y z
N SER A 23 -21.30 9.20 18.06
CA SER A 23 -21.45 8.42 16.78
C SER A 23 -20.30 8.68 15.80
N MET A 24 -20.04 9.92 15.40
CA MET A 24 -18.90 10.26 14.47
C MET A 24 -18.16 11.60 14.74
N SER A 25 -16.92 11.49 15.18
CA SER A 25 -16.12 12.64 15.55
C SER A 25 -14.65 12.22 15.69
N LEU A 26 -13.74 13.06 15.17
CA LEU A 26 -12.35 12.74 15.08
C LEU A 26 -11.56 13.71 15.93
N PRO A 27 -10.45 13.26 16.46
CA PRO A 27 -9.68 14.11 17.32
C PRO A 27 -9.05 15.31 16.61
N PRO A 28 -8.81 16.43 17.36
CA PRO A 28 -8.32 17.66 16.75
C PRO A 28 -7.02 17.54 16.01
N ASP A 29 -6.13 16.68 16.42
CA ASP A 29 -4.89 16.56 15.66
C ASP A 29 -5.02 15.72 14.32
N PHE A 30 -6.25 15.39 13.88
CA PHE A 30 -6.41 14.32 12.86
C PHE A 30 -5.71 14.70 11.57
N LYS A 31 -4.91 13.79 11.06
CA LYS A 31 -4.16 14.06 9.83
C LYS A 31 -4.97 13.58 8.62
N TRP A 32 -5.07 14.39 7.58
CA TRP A 32 -5.72 13.90 6.37
C TRP A 32 -5.15 14.56 5.15
N GLY A 33 -5.24 13.85 4.05
CA GLY A 33 -4.75 14.32 2.80
C GLY A 33 -4.77 13.23 1.76
N PHE A 34 -3.74 13.22 0.90
CA PHE A 34 -3.68 12.29 -0.24
C PHE A 34 -2.39 11.48 -0.26
N ALA A 35 -2.42 10.41 -1.05
CA ALA A 35 -1.32 9.48 -1.17
C ALA A 35 -1.00 9.26 -2.62
N THR A 36 0.29 9.01 -2.86
CA THR A 36 0.83 8.65 -4.16
C THR A 36 2.01 7.67 -3.96
N ALA A 37 2.53 7.17 -5.08
CA ALA A 37 3.76 6.38 -5.08
C ALA A 37 4.65 6.81 -6.25
N ALA A 38 5.97 6.73 -6.04
CA ALA A 38 6.92 7.28 -6.95
C ALA A 38 6.76 6.75 -8.34
N TYR A 39 6.82 5.43 -8.51
CA TYR A 39 6.76 4.89 -9.87
C TYR A 39 5.44 5.28 -10.56
N GLN A 40 4.38 5.46 -9.77
CA GLN A 40 3.10 5.66 -10.41
C GLN A 40 2.92 7.06 -10.95
N ILE A 41 3.65 8.03 -10.39
CA ILE A 41 3.44 9.42 -10.73
C ILE A 41 4.65 10.17 -11.27
N GLU A 42 5.88 9.76 -10.94
CA GLU A 42 7.02 10.68 -11.11
C GLU A 42 7.47 10.94 -12.56
N GLY A 43 7.48 9.90 -13.36
CA GLY A 43 8.15 9.92 -14.63
C GLY A 43 9.63 10.15 -14.44
N SER A 44 10.27 10.81 -15.41
CA SER A 44 11.73 11.05 -15.38
C SER A 44 12.49 9.81 -14.97
N VAL A 45 12.15 8.68 -15.60
CA VAL A 45 12.62 7.36 -15.13
C VAL A 45 14.15 7.16 -15.31
N ASN A 46 14.72 7.90 -16.24
CA ASN A 46 16.18 7.88 -16.46
C ASN A 46 16.91 9.17 -16.15
N GLU A 47 16.22 10.13 -15.52
N GLU A 47 16.23 10.14 -15.54
CA GLU A 47 16.79 11.45 -15.30
CA GLU A 47 16.87 11.43 -15.28
C GLU A 47 17.49 11.53 -13.95
C GLU A 47 17.51 11.52 -13.95
N ASP A 48 18.47 12.44 -13.87
CA ASP A 48 19.19 12.70 -12.64
C ASP A 48 19.76 11.46 -11.99
N GLY A 49 20.30 10.57 -12.80
CA GLY A 49 21.01 9.41 -12.27
C GLY A 49 20.15 8.23 -11.85
N ARG A 50 18.81 8.26 -12.00
CA ARG A 50 17.99 7.14 -11.50
C ARG A 50 18.35 5.84 -12.20
N GLY A 51 18.54 4.76 -11.45
CA GLY A 51 18.73 3.43 -12.05
C GLY A 51 17.41 2.70 -12.31
N PRO A 52 17.42 1.65 -13.15
CA PRO A 52 16.15 0.95 -13.36
C PRO A 52 15.66 0.22 -12.12
N SER A 53 14.33 0.17 -11.98
CA SER A 53 13.71 -0.71 -10.99
C SER A 53 13.12 -1.93 -11.66
N ILE A 54 12.71 -2.89 -10.85
CA ILE A 54 12.07 -4.11 -11.36
C ILE A 54 10.79 -3.82 -12.15
N TRP A 55 10.15 -2.68 -11.89
CA TRP A 55 8.98 -2.25 -12.68
C TRP A 55 9.38 -1.70 -14.08
N ASP A 56 10.55 -0.99 -14.20
CA ASP A 56 11.05 -0.55 -15.50
C ASP A 56 11.26 -1.78 -16.38
N THR A 57 11.88 -2.79 -15.83
CA THR A 57 12.10 -4.05 -16.53
C THR A 57 10.84 -4.83 -16.89
N PHE A 58 9.95 -5.02 -15.90
CA PHE A 58 8.68 -5.72 -16.11
C PHE A 58 7.88 -5.06 -17.25
N CYS A 59 7.85 -3.71 -17.28
CA CYS A 59 7.01 -3.05 -18.30
C CYS A 59 7.57 -3.21 -19.71
N ALA A 60 8.86 -3.52 -19.83
CA ALA A 60 9.49 -3.78 -21.16
C ALA A 60 9.09 -5.13 -21.75
N ILE A 61 8.39 -5.96 -20.98
CA ILE A 61 7.97 -7.31 -21.41
C ILE A 61 6.57 -7.30 -21.99
N PRO A 62 6.44 -7.70 -23.29
CA PRO A 62 5.14 -7.65 -23.97
C PRO A 62 4.11 -8.44 -23.21
N GLY A 63 2.91 -7.88 -23.09
CA GLY A 63 1.82 -8.59 -22.44
C GLY A 63 1.60 -8.42 -20.94
N LYS A 64 2.59 -7.91 -20.22
CA LYS A 64 2.49 -7.74 -18.78
C LYS A 64 1.61 -6.54 -18.36
N ILE A 65 1.64 -5.43 -19.13
CA ILE A 65 0.86 -4.26 -18.85
C ILE A 65 -0.30 -4.16 -19.88
N ALA A 66 -1.51 -4.02 -19.37
CA ALA A 66 -2.71 -4.19 -20.17
C ALA A 66 -2.80 -3.22 -21.32
N ASP A 67 -2.32 -1.99 -21.18
CA ASP A 67 -2.34 -1.06 -22.28
C ASP A 67 -0.94 -0.88 -22.91
N GLY A 68 0.01 -1.77 -22.63
CA GLY A 68 1.35 -1.65 -23.20
C GLY A 68 2.16 -0.44 -22.72
N SER A 69 1.82 0.14 -21.57
CA SER A 69 2.45 1.37 -21.14
C SER A 69 3.47 1.06 -20.05
N SER A 70 4.10 2.12 -19.56
CA SER A 70 5.04 2.03 -18.48
C SER A 70 5.01 3.33 -17.67
N GLY A 71 5.77 3.35 -16.59
CA GLY A 71 5.89 4.55 -15.77
C GLY A 71 6.74 5.65 -16.40
N ALA A 72 7.15 5.47 -17.64
CA ALA A 72 7.80 6.57 -18.36
C ALA A 72 6.72 7.68 -18.50
N VAL A 73 7.18 8.87 -18.19
CA VAL A 73 6.36 10.09 -18.15
C VAL A 73 5.33 10.10 -16.98
N ALA A 74 4.39 9.15 -16.92
CA ALA A 74 3.38 9.16 -15.89
C ALA A 74 2.80 10.57 -15.72
N CYS A 75 2.77 11.12 -14.51
CA CYS A 75 2.19 12.45 -14.27
C CYS A 75 3.25 13.51 -14.27
N ASP A 76 4.48 13.12 -14.60
CA ASP A 76 5.60 14.06 -14.71
C ASP A 76 5.80 14.76 -13.37
N SER A 77 5.53 14.07 -12.26
CA SER A 77 5.55 14.75 -10.97
C SER A 77 6.92 15.06 -10.44
N TYR A 78 7.93 14.31 -10.86
CA TYR A 78 9.31 14.64 -10.46
C TYR A 78 9.71 16.09 -10.80
N LYS A 79 9.27 16.58 -11.97
CA LYS A 79 9.47 17.95 -12.44
C LYS A 79 8.38 18.92 -12.03
N ARG A 80 7.27 18.47 -11.44
CA ARG A 80 6.13 19.33 -11.10
C ARG A 80 5.80 19.34 -9.61
N THR A 81 6.83 19.35 -8.78
CA THR A 81 6.62 19.27 -7.34
C THR A 81 5.90 20.53 -6.86
N LYS A 82 6.25 21.66 -7.45
CA LYS A 82 5.72 22.91 -6.95
C LYS A 82 4.23 23.02 -7.24
N GLU A 83 3.83 22.60 -8.45
CA GLU A 83 2.45 22.56 -8.83
C GLU A 83 1.67 21.53 -7.98
N ASP A 84 2.26 20.37 -7.71
CA ASP A 84 1.58 19.35 -6.91
C ASP A 84 1.39 19.83 -5.46
N ILE A 85 2.41 20.49 -4.88
CA ILE A 85 2.24 21.13 -3.56
C ILE A 85 1.14 22.20 -3.54
N ALA A 86 1.10 23.05 -4.58
CA ALA A 86 0.06 24.07 -4.64
C ALA A 86 -1.32 23.45 -4.78
N LEU A 87 -1.39 22.33 -5.50
CA LEU A 87 -2.66 21.57 -5.57
C LEU A 87 -3.13 21.03 -4.18
N LEU A 88 -2.23 20.39 -3.45
CA LEU A 88 -2.50 19.94 -2.08
C LEU A 88 -3.02 21.06 -1.23
N LYS A 89 -2.33 22.18 -1.25
CA LYS A 89 -2.80 23.34 -0.50
C LYS A 89 -4.17 23.83 -0.95
N GLU A 90 -4.42 23.89 -2.26
CA GLU A 90 -5.71 24.32 -2.77
C GLU A 90 -6.80 23.38 -2.26
N LEU A 91 -6.50 22.08 -2.07
CA LEU A 91 -7.55 21.13 -1.69
C LEU A 91 -7.75 21.10 -0.20
N GLY A 92 -6.85 21.74 0.54
CA GLY A 92 -6.99 21.78 2.01
C GLY A 92 -6.27 20.67 2.76
N ALA A 93 -5.52 19.78 2.08
CA ALA A 93 -4.84 18.71 2.76
C ALA A 93 -3.88 19.26 3.81
N ASN A 94 -3.80 18.60 4.97
CA ASN A 94 -2.78 18.88 5.95
C ASN A 94 -1.67 17.82 5.94
N SER A 95 -1.85 16.76 5.15
CA SER A 95 -0.85 15.68 5.04
C SER A 95 -0.69 15.15 3.60
N TYR A 96 0.46 14.56 3.30
CA TYR A 96 0.71 13.98 1.98
C TYR A 96 1.67 12.80 2.13
N ARG A 97 1.22 11.66 1.63
CA ARG A 97 2.02 10.46 1.61
C ARG A 97 2.57 10.22 0.19
N PHE A 98 3.88 10.01 0.12
CA PHE A 98 4.56 9.72 -1.14
C PHE A 98 5.65 8.72 -0.83
N SER A 99 6.22 8.16 -1.88
CA SER A 99 7.31 7.23 -1.68
C SER A 99 8.60 7.74 -2.32
N ILE A 100 9.68 7.20 -1.79
CA ILE A 100 11.01 7.44 -2.26
C ILE A 100 11.38 6.32 -3.25
N SER A 101 11.82 6.69 -4.42
CA SER A 101 12.39 5.73 -5.38
C SER A 101 13.81 5.41 -4.93
N TRP A 102 14.00 4.20 -4.45
CA TRP A 102 15.27 3.71 -3.95
C TRP A 102 16.33 3.88 -5.05
N SER A 103 15.95 3.59 -6.29
CA SER A 103 16.92 3.62 -7.38
C SER A 103 17.28 5.05 -7.82
N ARG A 104 16.61 6.05 -7.24
CA ARG A 104 17.09 7.41 -7.34
C ARG A 104 18.13 7.75 -6.26
N ILE A 105 18.10 7.02 -5.15
CA ILE A 105 19.01 7.24 -4.04
C ILE A 105 20.30 6.41 -4.19
N ILE A 106 20.11 5.13 -4.55
CA ILE A 106 21.20 4.22 -4.84
C ILE A 106 20.86 3.53 -6.15
N PRO A 107 21.39 4.01 -7.27
CA PRO A 107 20.89 3.51 -8.53
C PRO A 107 20.96 2.01 -8.75
N LEU A 108 21.93 1.33 -8.15
CA LEU A 108 22.02 -0.12 -8.20
C LEU A 108 21.49 -0.76 -6.94
N GLY A 109 21.24 0.06 -5.91
CA GLY A 109 20.49 -0.41 -4.74
C GLY A 109 21.30 -0.84 -3.55
N GLY A 110 22.49 -1.41 -3.78
CA GLY A 110 23.23 -2.11 -2.71
C GLY A 110 24.05 -1.23 -1.76
N ARG A 111 24.39 -1.78 -0.61
CA ARG A 111 25.15 -1.09 0.40
C ARG A 111 26.58 -0.74 -0.02
N ASN A 112 27.14 -1.40 -1.03
CA ASN A 112 28.47 -0.99 -1.54
C ASN A 112 28.41 -0.24 -2.83
N ASP A 113 27.23 0.08 -3.29
CA ASP A 113 27.06 0.86 -4.50
C ASP A 113 27.08 2.35 -4.26
N PRO A 114 27.38 3.13 -5.31
CA PRO A 114 27.48 4.59 -5.15
C PRO A 114 26.15 5.26 -4.85
N ILE A 115 26.15 6.20 -3.92
CA ILE A 115 24.97 6.99 -3.61
C ILE A 115 24.81 8.12 -4.61
N ASN A 116 23.57 8.44 -4.97
CA ASN A 116 23.23 9.51 -5.92
C ASN A 116 22.68 10.74 -5.17
N GLN A 117 23.56 11.67 -4.87
CA GLN A 117 23.24 12.89 -4.14
C GLN A 117 22.15 13.74 -4.77
N LYS A 118 22.10 13.85 -6.10
CA LYS A 118 20.99 14.53 -6.77
C LYS A 118 19.62 13.96 -6.32
N GLY A 119 19.56 12.63 -6.17
CA GLY A 119 18.32 11.95 -5.75
C GLY A 119 17.94 12.36 -4.35
N ILE A 120 18.92 12.26 -3.44
CA ILE A 120 18.73 12.71 -2.06
C ILE A 120 18.25 14.14 -2.01
N ASP A 121 18.97 15.06 -2.66
CA ASP A 121 18.65 16.48 -2.58
C ASP A 121 17.24 16.79 -3.09
N HIS A 122 16.81 16.07 -4.12
CA HIS A 122 15.44 16.19 -4.62
C HIS A 122 14.40 15.99 -3.52
N TYR A 123 14.51 14.89 -2.80
CA TYR A 123 13.52 14.57 -1.78
C TYR A 123 13.66 15.45 -0.52
N VAL A 124 14.89 15.79 -0.13
CA VAL A 124 15.09 16.73 1.01
C VAL A 124 14.42 18.09 0.72
N LYS A 125 14.66 18.60 -0.48
CA LYS A 125 14.02 19.85 -0.89
C LYS A 125 12.48 19.71 -0.94
N PHE A 126 11.99 18.58 -1.47
CA PHE A 126 10.56 18.35 -1.57
C PHE A 126 9.91 18.44 -0.20
N VAL A 127 10.51 17.80 0.78
CA VAL A 127 10.01 17.81 2.11
C VAL A 127 10.06 19.24 2.74
N ASP A 128 11.15 20.00 2.49
CA ASP A 128 11.25 21.40 2.97
C ASP A 128 10.10 22.22 2.40
N ASP A 129 9.83 22.02 1.11
CA ASP A 129 8.76 22.72 0.47
C ASP A 129 7.37 22.31 0.96
N LEU A 130 7.18 21.02 1.26
CA LEU A 130 5.91 20.56 1.85
C LEU A 130 5.69 21.20 3.22
N ILE A 131 6.72 21.19 4.03
CA ILE A 131 6.64 21.74 5.35
C ILE A 131 6.36 23.24 5.28
N GLU A 132 7.00 23.94 4.34
CA GLU A 132 6.79 25.37 4.17
C GLU A 132 5.31 25.65 3.79
N ALA A 133 4.70 24.80 2.97
CA ALA A 133 3.26 24.88 2.67
C ALA A 133 2.33 24.42 3.80
N GLY A 134 2.87 23.98 4.94
CA GLY A 134 2.09 23.54 6.09
C GLY A 134 1.58 22.10 5.95
N ILE A 135 2.28 21.22 5.23
CA ILE A 135 1.79 19.86 4.95
C ILE A 135 2.70 18.88 5.62
N THR A 136 2.13 17.97 6.41
CA THR A 136 2.89 16.90 7.06
C THR A 136 3.27 15.76 6.06
N PRO A 137 4.56 15.48 5.89
CA PRO A 137 4.97 14.35 5.07
C PRO A 137 4.86 12.97 5.76
N PHE A 138 4.33 11.99 5.03
CA PHE A 138 4.32 10.61 5.43
C PHE A 138 5.14 9.94 4.31
N ILE A 139 6.25 9.33 4.63
CA ILE A 139 7.18 8.85 3.62
C ILE A 139 7.28 7.32 3.61
N THR A 140 6.93 6.71 2.49
CA THR A 140 7.10 5.28 2.29
C THR A 140 8.48 5.02 1.67
N LEU A 141 9.28 4.17 2.31
CA LEU A 141 10.58 3.86 1.79
C LEU A 141 10.48 2.95 0.58
N PHE A 142 9.64 1.92 0.67
CA PHE A 142 9.54 0.91 -0.41
C PHE A 142 8.10 0.76 -0.85
N HIS A 143 7.84 1.25 -2.05
CA HIS A 143 6.57 1.07 -2.73
C HIS A 143 6.81 0.38 -4.10
N TRP A 144 7.46 -0.75 -4.03
CA TRP A 144 7.52 -1.82 -5.07
C TRP A 144 8.62 -1.66 -6.06
N ASP A 145 9.25 -0.50 -6.06
CA ASP A 145 10.23 -0.22 -7.08
C ASP A 145 11.61 -0.63 -6.59
N LEU A 146 11.78 -1.93 -6.41
CA LEU A 146 13.11 -2.48 -6.02
C LEU A 146 14.13 -2.19 -7.12
N PRO A 147 15.30 -1.62 -6.77
CA PRO A 147 16.35 -1.48 -7.81
C PRO A 147 16.66 -2.78 -8.53
N ASP A 148 16.60 -2.76 -9.85
CA ASP A 148 16.62 -4.02 -10.65
C ASP A 148 17.87 -4.85 -10.33
N ALA A 149 18.98 -4.16 -10.07
CA ALA A 149 20.24 -4.86 -9.83
C ALA A 149 20.17 -5.82 -8.64
N LEU A 150 19.45 -5.45 -7.57
CA LEU A 150 19.29 -6.33 -6.42
C LEU A 150 18.53 -7.62 -6.74
N ASP A 151 17.50 -7.51 -7.56
CA ASP A 151 16.77 -8.64 -8.06
C ASP A 151 17.68 -9.56 -8.89
N LYS A 152 18.50 -8.95 -9.74
CA LYS A 152 19.38 -9.72 -10.64
C LYS A 152 20.54 -10.33 -9.87
N ARG A 153 21.08 -9.64 -8.87
CA ARG A 153 22.21 -10.16 -8.15
C ARG A 153 21.86 -11.35 -7.30
N TYR A 154 20.82 -11.22 -6.48
CA TYR A 154 20.55 -12.24 -5.49
C TYR A 154 19.08 -12.57 -5.35
N GLY A 155 18.28 -12.21 -6.32
CA GLY A 155 16.87 -12.54 -6.27
C GLY A 155 16.07 -11.60 -5.37
N GLY A 156 16.62 -10.43 -5.04
CA GLY A 156 15.96 -9.41 -4.23
C GLY A 156 15.49 -9.95 -2.88
N PHE A 157 14.18 -9.95 -2.67
CA PHE A 157 13.60 -10.38 -1.40
C PHE A 157 13.91 -11.83 -1.04
N LEU A 158 14.24 -12.66 -2.03
CA LEU A 158 14.52 -14.10 -1.80
C LEU A 158 15.80 -14.37 -1.01
N ASN A 159 16.70 -13.40 -0.94
CA ASN A 159 17.89 -13.57 -0.12
C ASN A 159 17.80 -12.78 1.15
N LYS A 160 17.52 -13.46 2.26
CA LYS A 160 17.18 -12.78 3.50
C LYS A 160 18.25 -11.82 3.98
N GLU A 161 19.47 -12.30 4.11
CA GLU A 161 20.56 -11.52 4.67
C GLU A 161 20.99 -10.39 3.73
N GLU A 162 21.01 -10.64 2.43
CA GLU A 162 21.49 -9.61 1.51
C GLU A 162 20.43 -8.51 1.46
N PHE A 163 19.17 -8.93 1.28
CA PHE A 163 18.07 -7.95 1.19
C PHE A 163 17.94 -7.07 2.44
N ALA A 164 18.01 -7.68 3.60
CA ALA A 164 17.83 -6.96 4.86
C ALA A 164 18.95 -5.99 5.08
N ALA A 165 20.18 -6.41 4.71
CA ALA A 165 21.32 -5.52 4.83
C ALA A 165 21.18 -4.36 3.88
N ASP A 166 20.78 -4.62 2.64
CA ASP A 166 20.72 -3.50 1.69
C ASP A 166 19.53 -2.57 2.04
N PHE A 167 18.42 -3.14 2.47
CA PHE A 167 17.28 -2.30 2.87
C PHE A 167 17.64 -1.43 4.07
N GLU A 168 18.26 -2.00 5.08
CA GLU A 168 18.61 -1.21 6.27
C GLU A 168 19.54 -0.05 5.92
N ASN A 169 20.50 -0.31 5.03
CA ASN A 169 21.44 0.73 4.59
C ASN A 169 20.72 1.88 3.92
N TYR A 170 19.85 1.56 2.94
CA TYR A 170 18.99 2.51 2.25
C TYR A 170 18.16 3.36 3.23
N ALA A 171 17.53 2.69 4.17
CA ALA A 171 16.70 3.34 5.15
C ALA A 171 17.47 4.35 6.00
N ARG A 172 18.64 3.95 6.49
CA ARG A 172 19.51 4.85 7.26
C ARG A 172 19.93 6.07 6.47
N ILE A 173 20.19 5.90 5.17
CA ILE A 173 20.50 7.07 4.36
C ILE A 173 19.33 8.04 4.40
N MET A 174 18.10 7.54 4.26
CA MET A 174 16.93 8.42 4.26
C MET A 174 16.59 9.05 5.62
N PHE A 175 16.70 8.25 6.68
CA PHE A 175 16.49 8.75 8.03
C PHE A 175 17.44 9.91 8.33
N LYS A 176 18.68 9.78 7.89
CA LYS A 176 19.68 10.78 8.16
C LYS A 176 19.42 12.02 7.32
N ALA A 177 19.04 11.85 6.05
CA ALA A 177 18.85 12.99 5.19
C ALA A 177 17.56 13.77 5.42
N ILE A 178 16.50 13.11 5.91
CA ILE A 178 15.21 13.79 6.06
C ILE A 178 14.69 13.77 7.52
N PRO A 179 15.44 14.38 8.43
CA PRO A 179 15.02 14.39 9.81
C PRO A 179 13.69 15.09 10.06
N LYS A 180 13.24 15.96 9.16
CA LYS A 180 12.00 16.68 9.40
C LYS A 180 10.80 15.79 9.19
N CYS A 181 10.97 14.64 8.56
CA CYS A 181 9.86 13.70 8.45
C CYS A 181 9.71 12.98 9.78
N LYS A 182 8.49 12.93 10.32
CA LYS A 182 8.19 12.28 11.60
C LYS A 182 7.25 11.06 11.45
N HIS A 183 6.94 10.70 10.19
CA HIS A 183 6.04 9.61 9.86
C HIS A 183 6.61 8.80 8.72
N TRP A 184 7.16 7.63 9.05
CA TRP A 184 7.95 6.81 8.12
C TRP A 184 7.22 5.50 7.95
N ILE A 185 7.06 5.04 6.72
CA ILE A 185 6.54 3.74 6.42
C ILE A 185 7.61 2.86 5.76
N THR A 186 7.81 1.64 6.25
CA THR A 186 8.84 0.80 5.65
C THR A 186 8.42 0.25 4.30
N PHE A 187 7.43 -0.63 4.32
CA PHE A 187 6.90 -1.25 3.13
C PHE A 187 5.43 -0.91 2.92
N ASN A 188 5.10 -0.68 1.66
CA ASN A 188 3.71 -0.68 1.21
C ASN A 188 3.24 -2.06 0.69
N GLU A 189 2.26 -2.63 1.38
CA GLU A 189 1.52 -3.80 0.87
C GLU A 189 2.43 -4.96 0.50
N PRO A 190 3.14 -5.49 1.49
CA PRO A 190 3.98 -6.64 1.22
C PRO A 190 3.19 -7.82 0.69
N TRP A 191 1.88 -7.92 1.03
CA TRP A 191 1.05 -8.97 0.44
C TRP A 191 1.12 -8.88 -1.09
N CYS A 192 1.10 -7.67 -1.68
CA CYS A 192 1.17 -7.57 -3.16
C CYS A 192 2.50 -8.06 -3.73
N SER A 193 3.54 -7.59 -3.08
CA SER A 193 4.90 -7.92 -3.48
C SER A 193 5.11 -9.44 -3.47
N ALA A 194 4.62 -10.08 -2.44
CA ALA A 194 4.77 -11.54 -2.27
C ALA A 194 3.84 -12.36 -3.17
N ILE A 195 2.53 -12.10 -3.14
CA ILE A 195 1.57 -12.91 -3.89
C ILE A 195 1.53 -12.57 -5.38
N LEU A 196 1.45 -11.29 -5.68
CA LEU A 196 1.35 -10.90 -7.07
C LEU A 196 2.72 -10.95 -7.80
N GLY A 197 3.80 -10.72 -7.05
CA GLY A 197 5.16 -10.83 -7.58
C GLY A 197 5.66 -12.27 -7.66
N TYR A 198 5.18 -13.18 -6.81
CA TYR A 198 5.76 -14.54 -6.72
C TYR A 198 4.83 -15.77 -6.74
N ASN A 199 3.52 -15.56 -6.62
CA ASN A 199 2.53 -16.59 -6.82
C ASN A 199 1.95 -16.52 -8.22
N THR A 200 1.34 -15.38 -8.57
CA THR A 200 0.68 -15.30 -9.86
C THR A 200 1.52 -14.67 -11.00
N GLY A 201 2.57 -13.94 -10.64
CA GLY A 201 3.41 -13.23 -11.62
C GLY A 201 2.74 -12.04 -12.26
N TYR A 202 1.67 -11.57 -11.65
CA TYR A 202 0.89 -10.45 -12.18
C TYR A 202 1.66 -9.15 -12.03
N PHE A 203 2.47 -9.04 -11.00
CA PHE A 203 3.26 -7.84 -10.73
C PHE A 203 4.74 -8.19 -10.78
N ALA A 204 5.59 -7.18 -11.03
CA ALA A 204 7.05 -7.38 -11.03
C ALA A 204 7.49 -8.05 -9.76
N PRO A 205 8.47 -8.97 -9.85
CA PRO A 205 9.23 -9.36 -11.02
C PRO A 205 8.61 -10.49 -11.83
N GLY A 206 7.33 -10.80 -11.61
CA GLY A 206 6.59 -11.74 -12.47
C GLY A 206 6.91 -13.21 -12.27
N HIS A 207 7.46 -13.56 -11.13
CA HIS A 207 7.69 -14.99 -10.81
C HIS A 207 6.40 -15.76 -10.59
N THR A 208 6.44 -16.97 -11.15
CA THR A 208 5.38 -17.92 -10.95
C THR A 208 5.89 -19.28 -11.43
N SER A 209 5.25 -20.33 -10.95
CA SER A 209 5.43 -21.72 -11.47
C SER A 209 5.04 -21.84 -12.92
N ASP A 210 4.10 -21.00 -13.35
CA ASP A 210 3.59 -21.06 -14.72
C ASP A 210 4.64 -20.67 -15.77
N ARG A 211 5.21 -21.68 -16.45
CA ARG A 211 6.34 -21.45 -17.35
C ARG A 211 5.91 -20.82 -18.65
N SER A 212 4.63 -20.70 -18.90
CA SER A 212 4.18 -19.90 -20.02
C SER A 212 4.20 -18.38 -19.70
N LYS A 213 4.48 -17.98 -18.45
CA LYS A 213 4.54 -16.55 -18.08
C LYS A 213 5.87 -16.13 -17.54
N SER A 214 6.61 -17.08 -16.94
CA SER A 214 7.90 -16.77 -16.39
C SER A 214 8.84 -17.97 -16.47
N PRO A 215 10.13 -17.72 -16.76
CA PRO A 215 11.14 -18.79 -16.75
C PRO A 215 11.57 -19.18 -15.38
N VAL A 216 11.21 -18.37 -14.37
CA VAL A 216 11.53 -18.72 -13.02
C VAL A 216 10.37 -18.51 -12.03
N GLY A 217 10.45 -19.27 -10.94
CA GLY A 217 9.55 -19.08 -9.80
C GLY A 217 8.99 -20.39 -9.33
N ASP A 218 8.45 -20.35 -8.11
CA ASP A 218 7.80 -21.48 -7.48
C ASP A 218 6.64 -20.95 -6.60
N SER A 219 5.44 -21.03 -7.16
CA SER A 219 4.25 -20.37 -6.60
C SER A 219 3.87 -20.90 -5.21
N ALA A 220 4.30 -22.13 -4.89
CA ALA A 220 4.04 -22.76 -3.62
C ALA A 220 5.01 -22.38 -2.53
N ARG A 221 6.17 -21.83 -2.89
CA ARG A 221 7.24 -21.61 -1.89
C ARG A 221 7.78 -20.20 -1.84
N GLU A 222 7.99 -19.56 -2.98
CA GLU A 222 8.62 -18.20 -3.02
C GLU A 222 7.79 -17.10 -2.32
N PRO A 223 6.46 -17.08 -2.47
CA PRO A 223 5.69 -16.05 -1.76
C PRO A 223 5.95 -16.00 -0.26
N TRP A 224 6.04 -17.16 0.39
CA TRP A 224 6.18 -17.25 1.84
C TRP A 224 7.56 -16.91 2.31
N ILE A 225 8.56 -17.28 1.49
CA ILE A 225 9.93 -16.77 1.66
C ILE A 225 9.96 -15.24 1.51
N VAL A 226 9.30 -14.71 0.51
CA VAL A 226 9.36 -13.25 0.26
C VAL A 226 8.72 -12.50 1.43
N GLY A 227 7.54 -12.93 1.85
CA GLY A 227 6.89 -12.28 3.02
C GLY A 227 7.77 -12.32 4.25
N HIS A 228 8.34 -13.49 4.52
CA HIS A 228 9.23 -13.68 5.67
C HIS A 228 10.39 -12.70 5.71
N ASN A 229 11.04 -12.56 4.57
CA ASN A 229 12.25 -11.78 4.48
C ASN A 229 11.97 -10.25 4.48
N ILE A 230 10.82 -9.87 3.92
CA ILE A 230 10.37 -8.50 4.07
C ILE A 230 10.14 -8.16 5.54
N LEU A 231 9.47 -9.03 6.28
CA LEU A 231 9.31 -8.81 7.72
C LEU A 231 10.65 -8.56 8.45
N ILE A 232 11.67 -9.35 8.12
CA ILE A 232 12.98 -9.21 8.72
C ILE A 232 13.58 -7.85 8.39
N ALA A 233 13.56 -7.52 7.10
CA ALA A 233 14.08 -6.24 6.61
C ALA A 233 13.34 -5.04 7.28
N HIS A 234 12.01 -5.13 7.27
CA HIS A 234 11.21 -4.12 7.99
C HIS A 234 11.70 -3.94 9.44
N ALA A 235 11.90 -5.06 10.13
CA ALA A 235 12.16 -4.96 11.52
C ALA A 235 13.58 -4.45 11.76
N ARG A 236 14.50 -4.70 10.84
CA ARG A 236 15.84 -4.10 10.95
C ARG A 236 15.80 -2.60 10.79
N ALA A 237 15.01 -2.13 9.81
CA ALA A 237 14.87 -0.71 9.58
C ALA A 237 14.24 0.00 10.75
N VAL A 238 13.27 -0.65 11.40
CA VAL A 238 12.58 -0.11 12.59
C VAL A 238 13.55 -0.02 13.79
N LYS A 239 14.34 -1.04 13.98
CA LYS A 239 15.28 -1.03 15.07
C LYS A 239 16.33 0.06 14.83
N ALA A 240 16.78 0.21 13.58
CA ALA A 240 17.71 1.30 13.27
C ALA A 240 17.12 2.66 13.53
N TYR A 241 15.84 2.82 13.17
CA TYR A 241 15.17 4.08 13.40
C TYR A 241 15.05 4.37 14.89
N ARG A 242 14.61 3.39 15.65
CA ARG A 242 14.40 3.57 17.07
C ARG A 242 15.72 3.76 17.81
N GLU A 243 16.75 3.02 17.44
CA GLU A 243 18.03 3.13 18.13
C GLU A 243 18.87 4.36 17.80
N ASP A 244 18.96 4.74 16.54
CA ASP A 244 19.91 5.75 16.14
C ASP A 244 19.29 7.05 15.69
N PHE A 245 17.99 7.12 15.48
CA PHE A 245 17.39 8.37 14.97
C PHE A 245 16.30 8.95 15.85
N LYS A 246 15.40 8.07 16.35
CA LYS A 246 14.24 8.55 17.11
C LYS A 246 14.66 9.39 18.37
N PRO A 247 15.71 8.97 19.12
CA PRO A 247 16.22 9.82 20.25
C PRO A 247 16.44 11.29 19.93
N THR A 248 16.92 11.63 18.75
CA THR A 248 17.18 13.05 18.45
C THR A 248 16.22 13.66 17.45
N GLN A 249 15.53 12.84 16.64
CA GLN A 249 14.66 13.37 15.60
C GLN A 249 13.20 13.15 15.94
N GLY A 250 12.91 12.30 16.94
CA GLY A 250 11.54 12.00 17.29
C GLY A 250 10.90 11.19 16.15
N GLY A 251 9.59 11.33 15.98
CA GLY A 251 8.89 10.61 14.92
C GLY A 251 8.54 9.15 15.22
N GLU A 252 7.94 8.52 14.21
CA GLU A 252 7.43 7.15 14.34
CA GLU A 252 7.45 7.15 14.34
C GLU A 252 7.54 6.38 13.01
N ILE A 253 7.58 5.05 13.13
CA ILE A 253 7.75 4.16 11.97
C ILE A 253 6.88 2.91 12.09
N GLY A 254 6.33 2.48 10.96
CA GLY A 254 5.54 1.28 10.88
C GLY A 254 5.47 0.74 9.47
N ILE A 255 4.80 -0.41 9.32
CA ILE A 255 4.54 -0.99 8.02
C ILE A 255 3.09 -0.69 7.59
N THR A 256 2.82 -0.72 6.28
CA THR A 256 1.48 -0.52 5.77
C THR A 256 1.02 -1.83 5.16
N LEU A 257 -0.11 -2.32 5.62
CA LEU A 257 -0.67 -3.58 5.16
C LEU A 257 -2.00 -3.34 4.50
N ASN A 258 -2.25 -3.99 3.37
CA ASN A 258 -3.57 -3.92 2.79
C ASN A 258 -4.39 -5.10 3.27
N GLY A 259 -5.67 -5.11 2.89
CA GLY A 259 -6.53 -6.17 3.33
C GLY A 259 -7.99 -5.75 3.25
N ASP A 260 -8.78 -6.63 2.70
CA ASP A 260 -10.19 -6.37 2.51
C ASP A 260 -11.08 -7.07 3.50
N ALA A 261 -12.30 -6.57 3.64
CA ALA A 261 -13.22 -7.04 4.65
C ALA A 261 -13.89 -8.32 4.13
N THR A 262 -14.48 -9.03 5.07
CA THR A 262 -15.13 -10.30 4.77
C THR A 262 -16.51 -10.40 5.39
N LEU A 263 -17.41 -11.02 4.65
CA LEU A 263 -18.69 -11.44 5.12
C LEU A 263 -18.93 -12.89 4.68
N PRO A 264 -19.71 -13.63 5.44
CA PRO A 264 -19.90 -15.04 5.08
C PRO A 264 -20.84 -15.25 3.91
N TRP A 265 -20.42 -16.08 2.96
CA TRP A 265 -21.25 -16.35 1.82
C TRP A 265 -22.64 -16.90 2.23
N ASP A 266 -22.64 -17.82 3.18
CA ASP A 266 -23.87 -18.33 3.80
C ASP A 266 -23.86 -17.88 5.25
N PRO A 267 -24.67 -16.88 5.57
CA PRO A 267 -24.64 -16.32 6.91
C PRO A 267 -25.00 -17.32 7.98
N GLU A 268 -25.66 -18.43 7.64
CA GLU A 268 -26.00 -19.50 8.61
C GLU A 268 -24.94 -20.58 8.79
N ASP A 269 -23.89 -20.58 7.99
CA ASP A 269 -22.96 -21.72 7.97
C ASP A 269 -21.73 -21.37 8.82
N PRO A 270 -21.51 -22.12 9.89
CA PRO A 270 -20.41 -21.75 10.79
C PRO A 270 -19.04 -21.89 10.18
N ALA A 271 -18.90 -22.75 9.18
CA ALA A 271 -17.66 -22.85 8.45
C ALA A 271 -17.34 -21.56 7.59
N ASP A 272 -18.35 -20.91 7.06
CA ASP A 272 -18.15 -19.63 6.33
C ASP A 272 -17.84 -18.51 7.29
N ILE A 273 -18.51 -18.52 8.44
CA ILE A 273 -18.22 -17.55 9.49
C ILE A 273 -16.77 -17.68 9.95
N GLU A 274 -16.32 -18.92 10.18
CA GLU A 274 -14.94 -19.15 10.54
C GLU A 274 -13.99 -18.73 9.39
N ALA A 275 -14.37 -19.05 8.17
CA ALA A 275 -13.55 -18.70 7.01
C ALA A 275 -13.38 -17.17 6.81
N CYS A 276 -14.33 -16.37 7.29
CA CYS A 276 -14.20 -14.92 7.24
C CYS A 276 -13.05 -14.46 8.08
N ASP A 277 -12.81 -15.12 9.21
CA ASP A 277 -11.63 -14.80 10.01
C ASP A 277 -10.35 -15.31 9.34
N ARG A 278 -10.43 -16.50 8.80
CA ARG A 278 -9.27 -17.19 8.27
C ARG A 278 -8.72 -16.41 7.07
N LYS A 279 -9.62 -15.91 6.23
CA LYS A 279 -9.22 -15.15 5.07
C LYS A 279 -8.41 -13.94 5.49
N ILE A 280 -8.89 -13.27 6.53
CA ILE A 280 -8.22 -12.07 6.99
C ILE A 280 -6.88 -12.46 7.60
N GLU A 281 -6.81 -13.63 8.24
CA GLU A 281 -5.55 -14.07 8.82
C GLU A 281 -4.48 -14.34 7.74
N PHE A 282 -4.89 -14.93 6.60
CA PHE A 282 -3.95 -15.22 5.53
C PHE A 282 -3.51 -13.95 4.76
N ALA A 283 -4.36 -12.92 4.76
CA ALA A 283 -4.16 -11.73 3.95
C ALA A 283 -3.38 -10.68 4.74
N ILE A 284 -3.70 -10.53 6.01
CA ILE A 284 -3.17 -9.48 6.87
C ILE A 284 -2.35 -10.01 8.05
N SER A 285 -2.87 -10.99 8.78
CA SER A 285 -2.20 -11.44 10.00
C SER A 285 -0.89 -12.19 9.66
N TRP A 286 -0.79 -12.66 8.44
CA TRP A 286 0.49 -13.14 7.88
C TRP A 286 1.62 -12.23 8.33
N PHE A 287 1.43 -10.92 8.15
CA PHE A 287 2.39 -9.92 8.54
C PHE A 287 2.14 -9.36 9.92
N ALA A 288 0.86 -9.14 10.26
CA ALA A 288 0.60 -8.47 11.57
C ALA A 288 0.83 -9.36 12.82
N ASP A 289 0.54 -10.65 12.74
CA ASP A 289 0.80 -11.52 13.89
C ASP A 289 2.30 -11.57 14.22
N PRO A 290 3.18 -11.67 13.21
CA PRO A 290 4.59 -11.58 13.60
C PRO A 290 4.96 -10.26 14.25
N ILE A 291 4.41 -9.18 13.75
CA ILE A 291 4.74 -7.87 14.20
C ILE A 291 4.19 -7.56 15.60
N TYR A 292 3.04 -8.13 15.95
CA TYR A 292 2.47 -7.87 17.28
C TYR A 292 2.73 -9.01 18.27
N PHE A 293 2.85 -10.24 17.78
CA PHE A 293 2.91 -11.41 18.66
C PHE A 293 4.16 -12.24 18.44
N GLY A 294 4.95 -12.01 17.40
CA GLY A 294 6.12 -12.84 17.16
C GLY A 294 5.89 -14.28 16.67
N LYS A 295 4.77 -14.52 16.01
CA LYS A 295 4.54 -15.79 15.36
C LYS A 295 3.57 -15.56 14.21
N TYR A 296 3.56 -16.49 13.29
CA TYR A 296 2.56 -16.48 12.22
C TYR A 296 1.19 -16.99 12.77
N PRO A 297 0.08 -16.66 12.09
CA PRO A 297 -1.21 -17.23 12.48
C PRO A 297 -1.22 -18.76 12.48
N ASP A 298 -1.81 -19.38 13.48
CA ASP A 298 -1.86 -20.84 13.57
C ASP A 298 -2.53 -21.46 12.33
N SER A 299 -3.53 -20.76 11.79
CA SER A 299 -4.24 -21.25 10.58
C SER A 299 -3.31 -21.33 9.39
N MET A 300 -2.33 -20.43 9.31
CA MET A 300 -1.36 -20.49 8.22
C MET A 300 -0.33 -21.64 8.41
N ARG A 301 0.24 -21.72 9.61
CA ARG A 301 1.11 -22.85 10.00
C ARG A 301 0.46 -24.22 9.65
N LYS A 302 -0.84 -24.34 9.92
CA LYS A 302 -1.54 -25.59 9.72
C LYS A 302 -1.62 -25.93 8.27
N GLN A 303 -2.06 -25.00 7.44
CA GLN A 303 -2.19 -25.28 6.01
C GLN A 303 -0.83 -25.38 5.26
N LEU A 304 0.14 -24.53 5.58
CA LEU A 304 1.34 -24.40 4.76
C LEU A 304 2.49 -25.26 5.28
N GLY A 305 2.41 -25.68 6.54
CA GLY A 305 3.45 -26.45 7.18
C GLY A 305 4.84 -25.91 6.92
N ASP A 306 5.76 -26.73 6.46
N ASP A 306 5.67 -26.80 6.34
CA ASP A 306 7.14 -26.31 6.40
CA ASP A 306 7.11 -26.60 6.11
C ASP A 306 7.41 -25.43 5.17
C ASP A 306 7.36 -25.44 5.19
N ARG A 307 6.38 -25.15 4.34
CA ARG A 307 6.52 -24.08 3.32
C ARG A 307 6.51 -22.68 3.91
N LEU A 308 6.02 -22.55 5.14
CA LEU A 308 6.05 -21.29 5.87
C LEU A 308 7.29 -21.27 6.74
N PRO A 309 8.18 -20.31 6.52
CA PRO A 309 9.39 -20.36 7.29
C PRO A 309 9.18 -20.14 8.77
N GLU A 310 10.21 -20.40 9.55
CA GLU A 310 10.16 -20.14 10.97
C GLU A 310 11.16 -19.11 11.35
N PHE A 311 10.78 -18.26 12.29
CA PHE A 311 11.67 -17.26 12.80
C PHE A 311 12.59 -17.93 13.81
N THR A 312 13.84 -17.51 13.87
CA THR A 312 14.72 -17.86 15.00
C THR A 312 14.35 -17.00 16.20
N PRO A 313 14.87 -17.36 17.40
CA PRO A 313 14.62 -16.54 18.59
C PRO A 313 15.09 -15.11 18.44
N GLU A 314 16.21 -14.88 17.76
CA GLU A 314 16.68 -13.52 17.54
C GLU A 314 15.70 -12.75 16.61
N GLU A 315 15.23 -13.45 15.58
CA GLU A 315 14.25 -12.85 14.65
C GLU A 315 12.93 -12.52 15.35
N VAL A 316 12.44 -13.41 16.22
CA VAL A 316 11.21 -13.15 16.99
C VAL A 316 11.38 -11.90 17.79
N ALA A 317 12.50 -11.76 18.49
CA ALA A 317 12.71 -10.57 19.30
C ALA A 317 12.75 -9.28 18.47
N LEU A 318 13.36 -9.39 17.29
CA LEU A 318 13.45 -8.27 16.35
C LEU A 318 12.07 -7.86 15.79
N VAL A 319 11.32 -8.83 15.27
CA VAL A 319 10.08 -8.57 14.57
C VAL A 319 8.92 -8.20 15.54
N LYS A 320 8.83 -8.89 16.66
CA LYS A 320 7.78 -8.64 17.62
C LYS A 320 7.94 -7.27 18.21
N GLY A 321 6.86 -6.47 18.20
CA GLY A 321 6.91 -5.09 18.66
C GLY A 321 7.42 -4.09 17.63
N SER A 322 7.51 -4.47 16.34
CA SER A 322 8.14 -3.60 15.33
C SER A 322 7.24 -2.58 14.62
N ASN A 323 6.04 -2.30 15.14
CA ASN A 323 5.19 -1.20 14.62
C ASN A 323 5.03 -0.16 15.71
N ASP A 324 5.40 1.09 15.45
CA ASP A 324 4.98 2.24 16.31
C ASP A 324 3.49 2.58 16.09
N PHE A 325 3.01 2.41 14.86
CA PHE A 325 1.63 2.56 14.51
C PHE A 325 1.27 1.51 13.50
N TYR A 326 -0.04 1.30 13.26
CA TYR A 326 -0.50 0.36 12.24
C TYR A 326 -0.86 1.16 10.97
N GLY A 327 -0.15 0.92 9.88
CA GLY A 327 -0.48 1.53 8.62
C GLY A 327 -1.48 0.65 7.88
N MET A 328 -2.61 1.23 7.47
CA MET A 328 -3.70 0.43 6.86
C MET A 328 -4.06 0.95 5.47
N ASN A 329 -3.99 0.06 4.47
CA ASN A 329 -4.63 0.28 3.20
C ASN A 329 -5.87 -0.60 3.10
N HIS A 330 -6.93 -0.02 2.58
CA HIS A 330 -8.21 -0.70 2.51
C HIS A 330 -9.09 -0.18 1.40
N TYR A 331 -9.78 -1.10 0.71
CA TYR A 331 -10.53 -0.77 -0.48
C TYR A 331 -11.95 -1.40 -0.57
N THR A 332 -12.11 -2.68 -0.24
CA THR A 332 -13.35 -3.43 -0.56
C THR A 332 -13.64 -4.51 0.46
N ALA A 333 -14.61 -5.34 0.10
CA ALA A 333 -15.03 -6.47 0.86
C ALA A 333 -15.42 -7.63 -0.06
N ASN A 334 -15.40 -8.84 0.50
CA ASN A 334 -15.83 -10.02 -0.21
C ASN A 334 -16.66 -10.92 0.62
N TYR A 335 -17.62 -11.57 -0.01
CA TYR A 335 -18.21 -12.74 0.62
C TYR A 335 -17.26 -13.93 0.56
N ILE A 336 -17.16 -14.69 1.66
CA ILE A 336 -16.23 -15.80 1.79
C ILE A 336 -16.99 -17.14 1.89
N LYS A 337 -16.65 -18.06 0.99
CA LYS A 337 -17.25 -19.36 0.95
C LYS A 337 -16.12 -20.38 1.20
N HIS A 338 -16.23 -21.12 2.32
CA HIS A 338 -15.24 -22.15 2.74
C HIS A 338 -15.19 -23.25 1.69
N LYS A 339 -14.03 -23.84 1.54
CA LYS A 339 -13.88 -25.03 0.71
C LYS A 339 -13.52 -26.19 1.60
N THR A 340 -13.86 -27.39 1.22
CA THR A 340 -13.42 -28.53 2.04
C THR A 340 -12.32 -29.34 1.36
N GLY A 341 -11.70 -30.21 2.14
CA GLY A 341 -10.62 -31.04 1.62
C GLY A 341 -9.30 -30.30 1.72
N VAL A 342 -8.30 -30.77 0.98
CA VAL A 342 -6.96 -30.21 1.08
C VAL A 342 -6.79 -29.19 -0.02
N PRO A 343 -6.36 -27.96 0.31
CA PRO A 343 -6.17 -26.96 -0.77
C PRO A 343 -4.93 -27.27 -1.66
N PRO A 344 -4.94 -26.81 -2.92
CA PRO A 344 -3.66 -26.93 -3.69
C PRO A 344 -2.45 -26.24 -3.04
N GLU A 345 -1.22 -26.69 -3.36
CA GLU A 345 -0.04 -26.09 -2.77
C GLU A 345 0.14 -24.62 -3.16
N ASP A 346 -0.38 -24.22 -4.32
CA ASP A 346 -0.29 -22.84 -4.79
C ASP A 346 -1.32 -21.93 -4.10
N ASP A 347 -2.17 -22.48 -3.23
CA ASP A 347 -3.26 -21.70 -2.60
C ASP A 347 -2.68 -20.70 -1.59
N PHE A 348 -3.14 -19.45 -1.68
CA PHE A 348 -2.73 -18.40 -0.73
C PHE A 348 -3.91 -17.81 0.07
N LEU A 349 -5.12 -18.10 -0.34
CA LEU A 349 -6.30 -17.51 0.33
C LEU A 349 -6.64 -18.11 1.67
N GLY A 350 -6.36 -19.41 1.83
CA GLY A 350 -6.68 -20.15 3.07
C GLY A 350 -7.83 -21.13 2.83
N ASN A 351 -7.87 -21.74 1.66
CA ASN A 351 -8.85 -22.80 1.34
C ASN A 351 -10.31 -22.31 1.38
N LEU A 352 -10.56 -21.32 0.52
CA LEU A 352 -11.81 -20.59 0.51
C LEU A 352 -11.87 -19.84 -0.81
N GLU A 353 -13.05 -19.31 -1.07
CA GLU A 353 -13.33 -18.62 -2.30
C GLU A 353 -13.81 -17.23 -1.94
N THR A 354 -13.43 -16.22 -2.70
CA THR A 354 -13.95 -14.87 -2.51
C THR A 354 -14.96 -14.58 -3.58
N LEU A 355 -16.08 -13.97 -3.21
CA LEU A 355 -17.17 -13.72 -4.15
C LEU A 355 -17.82 -12.37 -3.88
N PHE A 356 -18.45 -11.81 -4.92
CA PHE A 356 -19.17 -10.57 -4.77
C PHE A 356 -20.66 -10.66 -4.53
N TYR A 357 -21.19 -11.89 -4.55
CA TYR A 357 -22.60 -12.17 -4.30
C TYR A 357 -22.71 -13.31 -3.31
N ASN A 358 -23.67 -13.24 -2.40
CA ASN A 358 -23.80 -14.27 -1.37
C ASN A 358 -24.84 -15.30 -1.75
N LYS A 359 -25.05 -16.27 -0.87
CA LYS A 359 -26.02 -17.35 -1.07
C LYS A 359 -27.40 -16.85 -1.45
N TYR A 360 -27.83 -15.71 -0.88
CA TYR A 360 -29.16 -15.13 -1.14
C TYR A 360 -29.20 -14.02 -2.20
N GLY A 361 -28.09 -13.89 -2.95
CA GLY A 361 -28.04 -13.01 -4.08
C GLY A 361 -27.73 -11.57 -3.69
N ASP A 362 -27.42 -11.32 -2.42
CA ASP A 362 -27.04 -9.99 -1.96
C ASP A 362 -25.65 -9.66 -2.56
N CYS A 363 -25.39 -8.38 -2.83
CA CYS A 363 -24.19 -7.89 -3.52
CA CYS A 363 -24.12 -7.99 -3.48
C CYS A 363 -23.30 -7.11 -2.58
N ILE A 364 -21.99 -7.16 -2.76
CA ILE A 364 -21.10 -6.24 -2.07
C ILE A 364 -21.35 -4.80 -2.50
N GLY A 365 -21.42 -4.56 -3.79
CA GLY A 365 -21.66 -3.21 -4.32
C GLY A 365 -21.53 -3.19 -5.85
N PRO A 366 -21.67 -2.03 -6.43
CA PRO A 366 -21.54 -1.97 -7.89
C PRO A 366 -20.07 -2.10 -8.34
N GLU A 367 -19.90 -2.46 -9.60
CA GLU A 367 -18.57 -2.56 -10.19
C GLU A 367 -17.89 -1.21 -10.32
N THR A 368 -16.55 -1.23 -10.33
CA THR A 368 -15.73 -0.07 -10.63
C THR A 368 -14.92 -0.47 -11.88
N GLN A 369 -13.86 0.29 -12.18
CA GLN A 369 -12.95 -0.06 -13.29
C GLN A 369 -12.00 -1.22 -12.92
N SER A 370 -11.82 -1.43 -11.62
CA SER A 370 -10.96 -2.50 -11.07
C SER A 370 -11.81 -3.75 -10.75
N PHE A 371 -11.49 -4.90 -11.34
CA PHE A 371 -12.29 -6.13 -11.23
C PHE A 371 -12.43 -6.58 -9.80
N TRP A 372 -11.44 -6.24 -8.99
CA TRP A 372 -11.37 -6.69 -7.59
C TRP A 372 -12.01 -5.71 -6.58
N LEU A 373 -12.51 -4.56 -7.03
CA LEU A 373 -12.94 -3.47 -6.12
C LEU A 373 -14.43 -3.15 -6.29
N ARG A 374 -15.21 -3.45 -5.26
CA ARG A 374 -16.60 -2.99 -5.12
C ARG A 374 -16.73 -2.27 -3.77
N PRO A 375 -17.40 -1.14 -3.77
CA PRO A 375 -17.47 -0.35 -2.51
C PRO A 375 -18.33 -1.00 -1.49
N HIS A 376 -17.90 -0.95 -0.26
CA HIS A 376 -18.69 -1.43 0.84
C HIS A 376 -18.15 -0.74 2.13
N ALA A 377 -18.67 0.43 2.46
CA ALA A 377 -18.11 1.20 3.58
C ALA A 377 -18.23 0.48 4.93
N GLN A 378 -19.33 -0.25 5.14
CA GLN A 378 -19.52 -1.00 6.38
C GLN A 378 -18.35 -1.98 6.68
N GLY A 379 -17.80 -2.59 5.63
CA GLY A 379 -16.65 -3.48 5.78
C GLY A 379 -15.44 -2.77 6.34
N PHE A 380 -15.26 -1.49 5.95
CA PHE A 380 -14.12 -0.69 6.47
C PHE A 380 -14.24 -0.56 7.98
N ARG A 381 -15.45 -0.21 8.42
CA ARG A 381 -15.75 -0.14 9.87
C ARG A 381 -15.55 -1.50 10.54
N ASP A 382 -16.11 -2.54 9.94
CA ASP A 382 -15.92 -3.89 10.46
C ASP A 382 -14.44 -4.28 10.61
N LEU A 383 -13.65 -3.99 9.57
CA LEU A 383 -12.24 -4.43 9.57
C LEU A 383 -11.43 -3.60 10.53
N LEU A 384 -11.75 -2.31 10.64
CA LEU A 384 -11.10 -1.45 11.63
C LEU A 384 -11.27 -2.08 13.02
N ASN A 385 -12.49 -2.56 13.31
CA ASN A 385 -12.81 -3.23 14.58
C ASN A 385 -12.07 -4.54 14.78
N TRP A 386 -12.05 -5.36 13.74
CA TRP A 386 -11.41 -6.67 13.77
C TRP A 386 -9.95 -6.51 14.11
N LEU A 387 -9.30 -5.58 13.42
CA LEU A 387 -7.87 -5.35 13.59
C LEU A 387 -7.54 -4.69 14.94
N SER A 388 -8.31 -3.65 15.28
CA SER A 388 -8.14 -3.04 16.59
C SER A 388 -8.25 -4.07 17.75
N LYS A 389 -9.26 -4.95 17.68
CA LYS A 389 -9.42 -5.96 18.70
C LYS A 389 -8.29 -6.99 18.71
N ARG A 390 -7.87 -7.46 17.56
CA ARG A 390 -6.86 -8.49 17.55
C ARG A 390 -5.52 -7.95 18.03
N TYR A 391 -5.22 -6.69 17.72
CA TYR A 391 -3.89 -6.12 18.00
C TYR A 391 -3.82 -5.07 19.11
N GLY A 392 -4.84 -5.02 19.96
CA GLY A 392 -4.78 -4.21 21.20
C GLY A 392 -4.90 -2.71 21.00
N TYR A 393 -5.75 -2.32 20.05
CA TYR A 393 -6.04 -0.90 19.76
C TYR A 393 -4.81 -0.04 19.49
N PRO A 394 -4.03 -0.43 18.48
CA PRO A 394 -2.91 0.41 18.13
C PRO A 394 -3.37 1.70 17.49
N LYS A 395 -2.50 2.70 17.51
CA LYS A 395 -2.69 3.86 16.65
C LYS A 395 -2.66 3.45 15.19
N ILE A 396 -3.72 3.82 14.46
CA ILE A 396 -3.88 3.45 13.03
C ILE A 396 -3.83 4.68 12.16
N TYR A 397 -2.96 4.67 11.15
CA TYR A 397 -3.05 5.62 10.02
C TYR A 397 -3.60 4.90 8.81
N VAL A 398 -4.69 5.40 8.24
CA VAL A 398 -5.22 4.86 7.00
C VAL A 398 -4.42 5.49 5.88
N THR A 399 -3.48 4.72 5.32
CA THR A 399 -2.51 5.25 4.38
C THR A 399 -2.97 5.14 2.94
N GLU A 400 -4.06 4.39 2.70
CA GLU A 400 -4.74 4.40 1.40
C GLU A 400 -6.20 3.97 1.52
N ASN A 401 -7.06 4.72 0.82
CA ASN A 401 -8.43 4.36 0.58
C ASN A 401 -8.91 5.25 -0.56
N GLY A 402 -9.61 4.65 -1.51
CA GLY A 402 -10.15 5.35 -2.68
C GLY A 402 -10.68 4.38 -3.68
N THR A 403 -11.04 4.89 -4.84
CA THR A 403 -11.73 4.05 -5.86
C THR A 403 -11.51 4.51 -7.29
N SER A 404 -11.66 3.53 -8.18
CA SER A 404 -11.74 3.80 -9.61
C SER A 404 -13.23 3.84 -9.92
N LEU A 405 -13.52 4.18 -11.18
CA LEU A 405 -14.87 4.43 -11.61
C LEU A 405 -14.98 3.78 -13.02
N LYS A 406 -15.96 2.91 -13.23
CA LYS A 406 -15.99 2.13 -14.46
C LYS A 406 -16.15 2.99 -15.72
N GLY A 407 -15.32 2.76 -16.72
CA GLY A 407 -15.40 3.53 -17.97
C GLY A 407 -14.91 4.95 -17.81
N GLU A 408 -14.23 5.27 -16.71
CA GLU A 408 -13.83 6.69 -16.48
C GLU A 408 -12.86 7.20 -17.57
N ASN A 409 -11.98 6.33 -18.01
CA ASN A 409 -11.00 6.66 -19.03
C ASN A 409 -11.63 6.98 -20.40
N ASP A 410 -12.91 6.68 -20.60
CA ASP A 410 -13.54 6.84 -21.88
C ASP A 410 -14.50 7.99 -21.84
N MET A 411 -14.64 8.66 -20.71
CA MET A 411 -15.67 9.69 -20.55
C MET A 411 -15.16 11.03 -21.04
N PRO A 412 -16.07 11.92 -21.48
CA PRO A 412 -15.65 13.28 -21.80
C PRO A 412 -15.33 14.07 -20.53
N LEU A 413 -14.52 15.10 -20.67
CA LEU A 413 -14.03 15.81 -19.52
C LEU A 413 -15.13 16.20 -18.55
N GLU A 414 -16.23 16.79 -19.06
CA GLU A 414 -17.28 17.30 -18.16
C GLU A 414 -17.85 16.19 -17.28
N GLN A 415 -17.99 15.00 -17.83
CA GLN A 415 -18.47 13.89 -17.07
C GLN A 415 -17.40 13.40 -16.06
N VAL A 416 -16.12 13.40 -16.44
CA VAL A 416 -15.04 12.92 -15.54
C VAL A 416 -14.97 13.75 -14.28
N LEU A 417 -15.05 15.08 -14.44
CA LEU A 417 -14.95 15.99 -13.32
C LEU A 417 -16.15 15.89 -12.35
N GLU A 418 -17.30 15.47 -12.87
CA GLU A 418 -18.48 15.21 -12.03
C GLU A 418 -18.47 13.77 -11.51
N ASP A 419 -17.48 13.41 -10.68
CA ASP A 419 -17.30 12.03 -10.28
C ASP A 419 -18.10 11.72 -9.00
N ASP A 420 -19.40 11.84 -9.10
CA ASP A 420 -20.28 11.70 -7.97
C ASP A 420 -20.11 10.36 -7.26
N PHE A 421 -19.87 9.31 -8.01
CA PHE A 421 -19.64 8.00 -7.44
C PHE A 421 -18.44 7.98 -6.44
N ARG A 422 -17.39 8.69 -6.80
CA ARG A 422 -16.18 8.79 -6.00
C ARG A 422 -16.42 9.73 -4.81
N VAL A 423 -17.10 10.86 -5.05
CA VAL A 423 -17.55 11.70 -3.93
C VAL A 423 -18.22 10.87 -2.87
N LYS A 424 -19.14 10.01 -3.32
CA LYS A 424 -19.90 9.13 -2.46
C LYS A 424 -19.05 8.06 -1.73
N TYR A 425 -18.13 7.42 -2.45
CA TYR A 425 -17.21 6.49 -1.87
C TYR A 425 -16.51 7.15 -0.67
N PHE A 426 -15.90 8.31 -0.86
CA PHE A 426 -15.19 8.99 0.24
C PHE A 426 -16.12 9.40 1.36
N ASN A 427 -17.29 9.91 0.99
CA ASN A 427 -18.30 10.24 2.02
C ASN A 427 -18.63 9.05 2.94
N ASP A 428 -18.98 7.93 2.33
CA ASP A 428 -19.39 6.75 3.08
C ASP A 428 -18.20 6.12 3.83
N TYR A 429 -17.05 6.03 3.16
CA TYR A 429 -15.90 5.39 3.83
C TYR A 429 -15.38 6.29 4.98
N VAL A 430 -15.25 7.57 4.75
CA VAL A 430 -14.76 8.46 5.83
C VAL A 430 -15.74 8.48 7.04
N ARG A 431 -17.05 8.60 6.77
CA ARG A 431 -18.03 8.48 7.88
C ARG A 431 -18.02 7.13 8.59
N ALA A 432 -17.81 6.04 7.84
CA ALA A 432 -17.70 4.72 8.46
C ALA A 432 -16.51 4.64 9.44
N MET A 433 -15.37 5.14 8.98
CA MET A 433 -14.17 5.31 9.82
C MET A 433 -14.41 6.19 11.03
N ALA A 434 -15.02 7.35 10.85
CA ALA A 434 -15.38 8.23 11.98
C ALA A 434 -16.24 7.54 13.04
N ALA A 435 -17.15 6.67 12.62
CA ALA A 435 -17.95 5.87 13.53
C ALA A 435 -17.11 4.82 14.24
N ALA A 436 -16.15 4.26 13.48
CA ALA A 436 -15.21 3.32 14.09
C ALA A 436 -14.48 3.99 15.22
N VAL A 437 -14.13 5.24 15.01
CA VAL A 437 -13.44 5.99 16.05
C VAL A 437 -14.41 6.34 17.23
N ALA A 438 -15.40 7.18 16.91
CA ALA A 438 -16.22 7.79 17.94
C ALA A 438 -17.19 6.81 18.59
N GLU A 439 -17.72 5.85 17.82
CA GLU A 439 -18.60 4.85 18.37
C GLU A 439 -17.92 3.54 18.80
N ASP A 440 -16.83 3.10 18.12
CA ASP A 440 -16.23 1.83 18.40
C ASP A 440 -14.87 1.92 19.10
N GLY A 441 -14.35 3.13 19.29
CA GLY A 441 -13.11 3.27 20.05
C GLY A 441 -11.81 2.95 19.33
N CYS A 442 -11.87 2.82 17.99
CA CYS A 442 -10.65 2.55 17.23
C CYS A 442 -9.81 3.84 17.17
N ASN A 443 -8.52 3.68 17.42
CA ASN A 443 -7.63 4.83 17.43
C ASN A 443 -7.09 5.19 16.06
N VAL A 444 -7.96 5.69 15.17
CA VAL A 444 -7.52 6.20 13.89
C VAL A 444 -7.11 7.64 14.05
N ARG A 445 -5.89 7.98 13.56
CA ARG A 445 -5.30 9.33 13.67
C ARG A 445 -4.95 9.98 12.34
N GLY A 446 -5.14 9.25 11.24
CA GLY A 446 -4.95 9.85 9.92
C GLY A 446 -5.66 9.10 8.79
N TYR A 447 -5.95 9.83 7.73
CA TYR A 447 -6.63 9.24 6.56
C TYR A 447 -6.07 9.86 5.29
N LEU A 448 -5.48 9.02 4.43
CA LEU A 448 -4.83 9.51 3.19
C LEU A 448 -5.56 8.90 2.01
N ALA A 449 -6.18 9.77 1.25
CA ALA A 449 -6.93 9.37 0.05
C ALA A 449 -6.03 8.91 -1.11
N TRP A 450 -6.31 7.72 -1.65
CA TRP A 450 -5.62 7.24 -2.86
C TRP A 450 -6.54 7.61 -4.03
N SER A 451 -6.11 8.49 -4.93
CA SER A 451 -4.81 9.15 -4.97
C SER A 451 -5.05 10.62 -5.29
N LEU A 452 -4.04 11.44 -5.08
CA LEU A 452 -4.10 12.84 -5.50
C LEU A 452 -4.34 13.00 -7.00
N LEU A 453 -3.69 12.14 -7.77
CA LEU A 453 -3.68 12.20 -9.25
C LEU A 453 -4.02 10.86 -9.87
N ASP A 454 -4.70 10.91 -11.02
CA ASP A 454 -4.82 9.74 -11.88
C ASP A 454 -3.40 9.34 -12.19
N ASN A 455 -3.10 8.07 -12.30
CA ASN A 455 -1.72 7.67 -12.38
C ASN A 455 -1.55 6.24 -12.96
N PHE A 456 -0.31 5.78 -13.04
CA PHE A 456 -0.02 4.48 -13.59
C PHE A 456 -0.44 3.38 -12.60
N GLU A 457 -1.51 2.66 -12.95
CA GLU A 457 -2.06 1.62 -12.07
C GLU A 457 -1.49 0.22 -12.41
N TRP A 458 -0.18 0.13 -12.28
CA TRP A 458 0.53 -1.13 -12.33
C TRP A 458 0.17 -1.96 -13.57
N ALA A 459 -0.27 -3.20 -13.41
CA ALA A 459 -0.53 -4.08 -14.54
C ALA A 459 -1.72 -3.62 -15.38
N GLU A 460 -2.53 -2.71 -14.85
CA GLU A 460 -3.62 -2.14 -15.62
C GLU A 460 -3.25 -0.90 -16.39
N GLY A 461 -2.03 -0.38 -16.20
CA GLY A 461 -1.65 0.80 -16.93
C GLY A 461 -2.46 1.99 -16.51
N TYR A 462 -2.62 2.92 -17.44
CA TYR A 462 -3.22 4.21 -17.16
C TYR A 462 -4.75 4.23 -17.32
N GLU A 463 -5.31 3.14 -17.82
CA GLU A 463 -6.75 3.00 -18.07
C GLU A 463 -7.58 3.09 -16.79
N THR A 464 -7.01 2.64 -15.67
CA THR A 464 -7.71 2.65 -14.40
C THR A 464 -7.33 3.93 -13.66
N ARG A 465 -8.30 4.83 -13.51
CA ARG A 465 -8.11 6.09 -12.84
C ARG A 465 -8.61 6.08 -11.39
N PHE A 466 -7.68 6.25 -10.46
CA PHE A 466 -7.95 6.43 -9.02
C PHE A 466 -7.88 7.87 -8.47
N GLY A 467 -7.63 8.83 -9.34
CA GLY A 467 -7.31 10.20 -8.93
C GLY A 467 -8.51 10.98 -8.43
N VAL A 468 -8.32 11.88 -7.47
CA VAL A 468 -9.31 12.95 -7.23
C VAL A 468 -9.03 14.10 -8.23
N THR A 469 -7.94 13.98 -8.98
CA THR A 469 -7.53 14.98 -9.95
C THR A 469 -7.31 14.26 -11.26
N TYR A 470 -8.03 14.70 -12.31
CA TYR A 470 -7.87 14.19 -13.66
C TYR A 470 -6.54 14.66 -14.21
N VAL A 471 -5.81 13.76 -14.83
CA VAL A 471 -4.59 14.11 -15.49
C VAL A 471 -4.78 13.84 -16.97
N ASP A 472 -4.59 14.88 -17.78
CA ASP A 472 -4.76 14.78 -19.23
C ASP A 472 -3.42 14.44 -19.84
N TYR A 473 -3.16 13.16 -19.94
CA TYR A 473 -1.94 12.66 -20.49
C TYR A 473 -1.70 13.12 -21.91
N ALA A 474 -2.74 13.43 -22.67
CA ALA A 474 -2.55 13.86 -24.05
C ALA A 474 -2.17 15.35 -24.14
N ASN A 475 -2.41 16.13 -23.10
CA ASN A 475 -2.04 17.51 -23.07
C ASN A 475 -1.11 17.82 -21.92
N ASP A 476 0.08 17.23 -22.00
CA ASP A 476 1.15 17.51 -21.04
C ASP A 476 0.76 17.31 -19.58
N GLN A 477 -0.07 16.29 -19.31
CA GLN A 477 -0.40 15.87 -17.95
C GLN A 477 -1.01 16.99 -17.18
N LYS A 478 -1.80 17.80 -17.86
CA LYS A 478 -2.48 18.90 -17.22
C LYS A 478 -3.47 18.37 -16.18
N ARG A 479 -3.52 19.04 -15.03
CA ARG A 479 -4.32 18.67 -13.89
C ARG A 479 -5.66 19.40 -13.88
N TYR A 480 -6.76 18.65 -13.72
CA TYR A 480 -8.10 19.21 -13.43
C TYR A 480 -8.69 18.52 -12.21
N PRO A 481 -8.77 19.21 -11.08
CA PRO A 481 -9.46 18.68 -9.92
C PRO A 481 -10.90 18.22 -10.21
N LYS A 482 -11.27 17.01 -9.78
CA LYS A 482 -12.61 16.51 -9.95
C LYS A 482 -13.42 16.94 -8.74
N LYS A 483 -14.72 16.74 -8.82
CA LYS A 483 -15.63 17.12 -7.71
C LYS A 483 -15.19 16.49 -6.38
N SER A 484 -14.71 15.24 -6.46
CA SER A 484 -14.21 14.56 -5.27
C SER A 484 -13.11 15.27 -4.55
N ALA A 485 -12.17 15.85 -5.30
CA ALA A 485 -11.03 16.51 -4.71
C ALA A 485 -11.48 17.61 -3.77
N LYS A 486 -12.41 18.42 -4.25
CA LYS A 486 -13.00 19.56 -3.49
C LYS A 486 -13.97 19.16 -2.37
N SER A 487 -14.47 17.93 -2.38
CA SER A 487 -15.39 17.44 -1.36
C SER A 487 -14.75 17.06 -0.02
N LEU A 488 -13.46 16.75 -0.02
CA LEU A 488 -12.82 16.20 1.18
C LEU A 488 -12.67 17.21 2.31
N LYS A 489 -12.26 18.41 1.98
CA LYS A 489 -12.06 19.41 3.03
C LYS A 489 -13.38 19.70 3.84
N PRO A 490 -14.47 20.04 3.17
CA PRO A 490 -15.73 20.21 3.93
C PRO A 490 -16.22 18.95 4.66
N LEU A 491 -15.96 17.76 4.08
CA LEU A 491 -16.24 16.49 4.76
C LEU A 491 -15.48 16.40 6.08
N PHE A 492 -14.16 16.58 6.05
CA PHE A 492 -13.40 16.57 7.28
C PHE A 492 -13.67 17.76 8.21
N ASP A 493 -14.03 18.91 7.68
CA ASP A 493 -14.51 20.02 8.57
C ASP A 493 -15.72 19.64 9.41
N SER A 494 -16.58 18.78 8.87
CA SER A 494 -17.73 18.27 9.60
C SER A 494 -17.40 17.22 10.67
N LEU A 495 -16.16 16.74 10.71
CA LEU A 495 -15.83 15.58 11.55
C LEU A 495 -14.76 15.84 12.59
N ILE A 496 -13.81 16.70 12.28
CA ILE A 496 -12.61 16.84 13.11
C ILE A 496 -12.91 17.86 14.21
N ARG A 497 -12.77 17.48 15.48
CA ARG A 497 -13.09 18.46 16.55
C ARG A 497 -12.10 19.63 16.50
N LYS A 498 -12.55 20.85 16.82
CA LYS A 498 -11.63 22.00 16.87
C LYS A 498 -10.65 21.92 18.05
N GLU A 499 -11.02 21.32 19.19
CA GLU A 499 -10.15 21.36 20.39
C GLU A 499 -10.21 20.10 21.30
#